data_5XHX
#
_entry.id   5XHX
#
_cell.length_a   52.834
_cell.length_b   135.198
_cell.length_c   150.772
_cell.angle_alpha   90.00
_cell.angle_beta   90.00
_cell.angle_gamma   90.00
#
_symmetry.space_group_name_H-M   'I 2 2 2'
#
loop_
_entity.id
_entity.type
_entity.pdbx_description
1 polymer 'Helix-turn-helix transcriptional regulator'
2 water water
#
_entity_poly.entity_id   1
_entity_poly.type   'polypeptide(L)'
_entity_poly.pdbx_seq_one_letter_code
;GSMDIALHGGAWHESLGKLLEALDRPFFWRILAQTLGQFAPVDNWAALIFSDSSPLILSFMEEEREEVEPDPLISRYITG
LYLQDPFYQVSRN(CSO)RRGGLFHLADIVSEDFETTEYYNTYFAHYVVTDEVQYNVPLDGERTLCLSLGSESRFGAEQI
ALFELLRPWVIALMKKRIHFEDAVREEAKPIAAAEVEVQ
;
_entity_poly.pdbx_strand_id   A,B
#
# COMPACT_ATOMS: atom_id res chain seq x y z
N GLY A 9 -5.14 3.84 28.47
CA GLY A 9 -5.33 5.23 28.09
C GLY A 9 -4.55 6.20 28.95
N GLY A 10 -4.76 7.50 28.72
CA GLY A 10 -4.09 8.55 29.47
C GLY A 10 -2.81 9.05 28.86
N ALA A 11 -1.79 8.17 28.82
CA ALA A 11 -0.48 8.57 28.31
C ALA A 11 -0.54 8.93 26.82
N TRP A 12 -1.50 8.36 26.08
CA TRP A 12 -1.59 8.63 24.65
C TRP A 12 -2.00 10.09 24.40
N HIS A 13 -2.85 10.65 25.25
CA HIS A 13 -3.28 12.03 25.04
C HIS A 13 -2.14 13.00 25.26
N GLU A 14 -1.28 12.72 26.24
CA GLU A 14 -0.11 13.57 26.47
C GLU A 14 0.91 13.43 25.35
N SER A 15 1.08 12.22 24.81
CA SER A 15 1.95 12.04 23.65
C SER A 15 1.44 12.85 22.48
N LEU A 16 0.14 12.77 22.22
CA LEU A 16 -0.43 13.54 21.12
C LEU A 16 -0.23 15.04 21.35
N GLY A 17 -0.40 15.50 22.58
CA GLY A 17 -0.21 16.93 22.85
C GLY A 17 1.21 17.39 22.58
N LYS A 18 2.19 16.59 23.00
CA LYS A 18 3.60 16.91 22.75
C LYS A 18 3.91 16.94 21.25
N LEU A 19 3.26 16.08 20.47
CA LEU A 19 3.47 16.06 19.03
C LEU A 19 2.88 17.29 18.37
N LEU A 20 1.63 17.62 18.74
CA LEU A 20 0.97 18.80 18.20
C LEU A 20 1.69 20.08 18.61
N GLU A 21 2.26 20.11 19.79
CA GLU A 21 2.98 21.27 20.25
C GLU A 21 4.27 21.52 19.47
N ALA A 22 4.85 20.45 18.95
CA ALA A 22 6.08 20.49 18.18
C ALA A 22 5.87 20.89 16.73
N LEU A 23 4.62 21.10 16.32
CA LEU A 23 4.30 21.27 14.91
C LEU A 23 5.03 22.46 14.29
N ASP A 24 5.37 23.47 15.08
CA ASP A 24 6.08 24.65 14.59
C ASP A 24 7.51 24.73 15.12
N ARG A 25 8.06 23.60 15.54
CA ARG A 25 9.37 23.56 16.15
C ARG A 25 10.32 22.75 15.28
N PRO A 26 11.65 23.00 15.39
CA PRO A 26 12.60 22.30 14.51
C PRO A 26 12.58 20.79 14.67
N PHE A 27 12.28 20.29 15.86
CA PHE A 27 12.35 18.87 16.17
C PHE A 27 11.03 18.13 15.89
N PHE A 28 10.13 18.72 15.09
CA PHE A 28 8.84 18.08 14.85
C PHE A 28 9.00 16.68 14.27
N TRP A 29 9.81 16.53 13.21
CA TRP A 29 9.90 15.22 12.56
C TRP A 29 10.49 14.18 13.49
N ARG A 30 11.46 14.57 14.33
CA ARG A 30 11.97 13.64 15.34
C ARG A 30 10.87 13.17 16.27
N ILE A 31 9.99 14.09 16.69
CA ILE A 31 8.92 13.70 17.62
C ILE A 31 7.88 12.81 16.92
N LEU A 32 7.59 13.10 15.65
CA LEU A 32 6.66 12.25 14.92
C LEU A 32 7.22 10.84 14.75
N ALA A 33 8.48 10.73 14.33
CA ALA A 33 9.10 9.40 14.18
C ALA A 33 9.17 8.66 15.51
N GLN A 34 9.48 9.37 16.59
CA GLN A 34 9.52 8.72 17.91
C GLN A 34 8.13 8.29 18.36
N THR A 35 7.10 9.11 18.07
CA THR A 35 5.74 8.70 18.38
C THR A 35 5.37 7.40 17.64
N LEU A 36 5.63 7.34 16.34
CA LEU A 36 5.35 6.12 15.59
C LEU A 36 6.23 4.97 16.03
N GLY A 37 7.46 5.27 16.47
CA GLY A 37 8.37 4.27 16.98
C GLY A 37 7.90 3.59 18.25
N GLN A 38 6.84 4.10 18.89
CA GLN A 38 6.27 3.38 20.02
C GLN A 38 5.50 2.15 19.59
N PHE A 39 5.09 2.08 18.32
CA PHE A 39 4.34 0.96 17.79
C PHE A 39 5.18 0.01 16.94
N ALA A 40 6.42 0.37 16.62
CA ALA A 40 7.16 -0.35 15.60
C ALA A 40 8.65 -0.10 15.80
N PRO A 41 9.56 -1.01 15.23
CA PRO A 41 11.02 -0.82 15.37
C PRO A 41 11.58 0.19 14.38
N VAL A 42 11.26 1.46 14.60
CA VAL A 42 11.82 2.55 13.82
C VAL A 42 13.24 2.81 14.31
N ASP A 43 14.23 2.51 13.48
CA ASP A 43 15.63 2.73 13.85
C ASP A 43 16.24 3.95 13.18
N ASN A 44 15.64 4.43 12.10
CA ASN A 44 16.11 5.64 11.43
C ASN A 44 14.90 6.26 10.76
N TRP A 45 15.05 7.52 10.34
CA TRP A 45 13.93 8.21 9.71
C TRP A 45 14.47 9.39 8.95
N ALA A 46 13.69 9.83 7.96
CA ALA A 46 13.99 11.04 7.22
C ALA A 46 12.67 11.65 6.74
N ALA A 47 12.60 12.98 6.72
CA ALA A 47 11.50 13.69 6.08
C ALA A 47 12.04 14.49 4.90
N LEU A 48 11.39 14.36 3.75
CA LEU A 48 11.91 14.96 2.53
C LEU A 48 10.79 15.21 1.55
N ILE A 49 11.04 16.08 0.58
CA ILE A 49 10.10 16.36 -0.50
C ILE A 49 10.73 15.93 -1.82
N PHE A 50 10.10 14.96 -2.48
CA PHE A 50 10.47 14.58 -3.83
C PHE A 50 9.74 15.47 -4.84
N SER A 51 10.35 15.63 -6.00
CA SER A 51 9.78 16.45 -7.07
C SER A 51 10.46 16.07 -8.37
N ASP A 52 10.30 16.90 -9.40
CA ASP A 52 11.02 16.71 -10.65
C ASP A 52 12.43 17.29 -10.60
N SER A 53 12.84 17.90 -9.49
CA SER A 53 14.24 18.24 -9.28
C SER A 53 14.83 17.50 -8.09
N SER A 54 15.95 17.99 -7.56
CA SER A 54 16.62 17.31 -6.45
C SER A 54 15.70 17.21 -5.25
N PRO A 55 15.78 16.12 -4.47
CA PRO A 55 15.02 16.03 -3.22
C PRO A 55 15.45 17.10 -2.23
N LEU A 56 14.48 17.65 -1.52
CA LEU A 56 14.72 18.59 -0.44
C LEU A 56 14.58 17.83 0.88
N ILE A 57 15.70 17.68 1.59
CA ILE A 57 15.71 16.99 2.87
C ILE A 57 15.33 18.00 3.95
N LEU A 58 14.19 17.75 4.61
CA LEU A 58 13.72 18.62 5.67
C LEU A 58 14.37 18.30 7.01
N SER A 59 14.49 17.02 7.32
CA SER A 59 15.05 16.61 8.60
C SER A 59 15.35 15.13 8.52
N PHE A 60 16.37 14.69 9.26
CA PHE A 60 16.64 13.27 9.32
C PHE A 60 17.39 12.97 10.61
N MET A 61 17.33 11.70 11.02
CA MET A 61 17.76 11.31 12.36
C MET A 61 19.22 11.69 12.61
N GLU A 62 20.10 11.43 11.64
CA GLU A 62 21.52 11.64 11.80
C GLU A 62 21.95 13.06 11.42
N GLU A 63 21.03 14.01 11.35
CA GLU A 63 21.36 15.33 10.83
C GLU A 63 22.39 16.03 11.73
N GLU A 64 23.20 16.88 11.11
CA GLU A 64 24.27 17.58 11.80
C GLU A 64 24.17 19.09 11.63
N GLU A 69 30.35 18.76 9.52
CA GLU A 69 30.83 18.25 8.24
C GLU A 69 29.91 17.17 7.69
N PRO A 70 29.16 17.49 6.63
CA PRO A 70 28.14 16.56 6.14
C PRO A 70 28.75 15.31 5.51
N ASP A 71 28.09 14.18 5.73
CA ASP A 71 28.43 12.94 5.05
C ASP A 71 28.28 13.13 3.54
N PRO A 72 29.33 12.86 2.76
CA PRO A 72 29.18 12.96 1.29
C PRO A 72 28.11 12.05 0.71
N LEU A 73 27.64 11.05 1.47
CA LEU A 73 26.55 10.22 1.00
C LEU A 73 25.24 10.99 0.88
N ILE A 74 25.02 11.99 1.73
CA ILE A 74 23.79 12.79 1.63
C ILE A 74 23.80 13.60 0.33
N SER A 75 24.92 14.26 0.05
CA SER A 75 25.05 15.00 -1.21
C SER A 75 24.90 14.08 -2.41
N ARG A 76 25.49 12.87 -2.36
CA ARG A 76 25.33 11.92 -3.46
C ARG A 76 23.87 11.54 -3.64
N TYR A 77 23.16 11.31 -2.54
CA TYR A 77 21.74 11.02 -2.66
C TYR A 77 21.02 12.16 -3.37
N ILE A 78 21.24 13.39 -2.89
CA ILE A 78 20.51 14.54 -3.42
C ILE A 78 20.84 14.78 -4.90
N THR A 79 22.10 14.58 -5.31
CA THR A 79 22.48 14.93 -6.68
C THR A 79 22.34 13.77 -7.65
N GLY A 80 21.80 12.63 -7.24
CA GLY A 80 21.59 11.59 -8.23
C GLY A 80 21.17 10.23 -7.75
N LEU A 81 21.71 9.76 -6.63
CA LEU A 81 21.38 8.41 -6.16
C LEU A 81 19.90 8.26 -5.82
N TYR A 82 19.22 9.35 -5.45
CA TYR A 82 17.78 9.26 -5.18
C TYR A 82 17.00 8.75 -6.37
N LEU A 83 17.53 8.90 -7.59
CA LEU A 83 16.85 8.39 -8.77
C LEU A 83 16.69 6.87 -8.72
N GLN A 84 17.57 6.18 -8.00
CA GLN A 84 17.47 4.72 -7.83
C GLN A 84 16.73 4.35 -6.56
N ASP A 85 16.23 5.32 -5.81
CA ASP A 85 15.50 5.03 -4.58
C ASP A 85 14.11 4.59 -4.98
N PRO A 86 13.73 3.33 -4.71
CA PRO A 86 12.36 2.89 -5.04
C PRO A 86 11.27 3.78 -4.47
N PHE A 87 11.55 4.48 -3.36
CA PHE A 87 10.55 5.35 -2.78
C PHE A 87 10.41 6.67 -3.56
N TYR A 88 11.48 7.11 -4.22
CA TYR A 88 11.32 8.25 -5.14
C TYR A 88 10.49 7.84 -6.34
N GLN A 89 10.77 6.68 -6.92
CA GLN A 89 10.07 6.26 -8.12
C GLN A 89 8.58 6.07 -7.86
N VAL A 90 8.21 5.52 -6.70
CA VAL A 90 6.80 5.35 -6.38
C VAL A 90 6.12 6.71 -6.21
N SER A 91 6.85 7.73 -5.77
CA SER A 91 6.25 9.06 -5.69
C SER A 91 5.91 9.61 -7.08
N ARG A 92 6.62 9.17 -8.13
CA ARG A 92 6.30 9.62 -9.47
C ARG A 92 5.17 8.80 -10.08
N ASN A 93 5.07 7.53 -9.72
CA ASN A 93 4.13 6.57 -10.31
C ASN A 93 2.79 6.44 -9.58
N CSO A 94 2.79 6.70 -8.27
CA CSO A 94 1.56 6.59 -7.47
CB CSO A 94 1.76 5.60 -6.32
SG CSO A 94 1.82 3.91 -6.96
C CSO A 94 1.21 7.97 -6.93
O CSO A 94 1.49 8.30 -5.79
OD CSO A 94 0.01 3.31 -7.15
N ARG A 95 0.56 8.76 -7.79
CA ARG A 95 0.38 10.18 -7.52
C ARG A 95 -0.69 10.48 -6.45
N ARG A 96 -1.50 9.49 -6.06
CA ARG A 96 -2.37 9.69 -4.90
C ARG A 96 -1.63 9.58 -3.57
N GLY A 97 -0.37 9.16 -3.56
CA GLY A 97 0.30 8.98 -2.30
C GLY A 97 -0.21 7.75 -1.56
N GLY A 98 0.14 7.69 -0.28
CA GLY A 98 -0.28 6.55 0.52
C GLY A 98 0.80 6.08 1.46
N LEU A 99 0.74 4.80 1.82
CA LEU A 99 1.70 4.17 2.73
C LEU A 99 2.38 3.05 1.97
N PHE A 100 3.69 3.10 1.86
CA PHE A 100 4.42 2.16 1.02
C PHE A 100 5.43 1.37 1.85
N HIS A 101 5.50 0.06 1.59
CA HIS A 101 6.43 -0.86 2.23
C HIS A 101 7.43 -1.34 1.19
N LEU A 102 8.72 -1.30 1.55
CA LEU A 102 9.82 -1.57 0.63
C LEU A 102 9.58 -2.75 -0.31
N ALA A 103 9.27 -3.92 0.25
CA ALA A 103 9.14 -5.15 -0.55
C ALA A 103 8.09 -5.03 -1.64
N ASP A 104 7.06 -4.20 -1.44
CA ASP A 104 6.00 -4.06 -2.44
C ASP A 104 6.38 -3.20 -3.65
N ILE A 105 7.47 -2.44 -3.60
CA ILE A 105 7.74 -1.39 -4.59
C ILE A 105 9.09 -1.52 -5.27
N VAL A 106 9.90 -2.50 -4.93
CA VAL A 106 11.21 -2.61 -5.56
C VAL A 106 11.11 -3.23 -6.95
N SER A 107 12.07 -2.88 -7.80
CA SER A 107 12.36 -3.65 -8.99
C SER A 107 13.18 -4.87 -8.60
N GLU A 108 13.38 -5.78 -9.56
CA GLU A 108 14.17 -6.98 -9.27
C GLU A 108 15.66 -6.69 -9.17
N ASP A 109 16.16 -5.72 -9.95
CA ASP A 109 17.55 -5.30 -9.88
C ASP A 109 17.80 -4.24 -8.81
N PHE A 110 16.91 -4.11 -7.82
CA PHE A 110 17.11 -3.15 -6.73
C PHE A 110 18.44 -3.43 -6.02
N GLU A 111 18.69 -4.68 -5.68
CA GLU A 111 19.87 -5.04 -4.90
C GLU A 111 21.17 -4.87 -5.68
N THR A 112 21.11 -4.60 -6.98
CA THR A 112 22.32 -4.39 -7.77
C THR A 112 22.64 -2.92 -7.98
N THR A 113 21.82 -2.00 -7.46
CA THR A 113 22.05 -0.58 -7.68
C THR A 113 23.13 -0.07 -6.71
N GLU A 114 23.82 0.99 -7.14
CA GLU A 114 24.74 1.65 -6.22
C GLU A 114 24.00 2.17 -4.99
N TYR A 115 22.80 2.71 -5.18
CA TYR A 115 22.00 3.21 -4.06
C TYR A 115 21.86 2.14 -2.97
N TYR A 116 21.57 0.91 -3.35
CA TYR A 116 21.39 -0.17 -2.37
C TYR A 116 22.65 -0.39 -1.53
N ASN A 117 23.82 -0.39 -2.18
CA ASN A 117 25.05 -0.78 -1.50
C ASN A 117 25.73 0.37 -0.79
N THR A 118 25.31 1.60 -1.06
CA THR A 118 25.96 2.74 -0.43
C THR A 118 24.99 3.41 0.55
N TYR A 119 24.02 4.17 0.02
CA TYR A 119 23.15 4.96 0.87
C TYR A 119 22.21 4.07 1.69
N PHE A 120 21.51 3.15 1.04
CA PHE A 120 20.52 2.30 1.70
C PHE A 120 21.14 1.50 2.83
N ALA A 121 22.20 0.75 2.53
CA ALA A 121 22.85 -0.08 3.53
C ALA A 121 23.25 0.73 4.75
N HIS A 122 23.63 2.00 4.57
CA HIS A 122 24.03 2.79 5.72
C HIS A 122 22.83 3.42 6.44
N TYR A 123 21.94 4.08 5.70
CA TYR A 123 20.91 4.91 6.34
C TYR A 123 19.60 4.20 6.63
N VAL A 124 19.35 3.05 5.98
CA VAL A 124 18.08 2.33 6.11
C VAL A 124 18.31 0.93 6.68
N VAL A 125 19.31 0.22 6.16
CA VAL A 125 19.86 -1.04 6.68
C VAL A 125 19.02 -2.23 6.23
N THR A 126 17.77 -2.36 6.70
CA THR A 126 17.03 -3.57 6.35
C THR A 126 15.67 -3.35 5.71
N ASP A 127 14.76 -2.64 6.38
CA ASP A 127 13.40 -2.46 5.86
C ASP A 127 13.02 -0.99 5.94
N GLU A 128 11.99 -0.63 5.18
CA GLU A 128 11.59 0.78 5.11
C GLU A 128 10.09 0.85 4.85
N VAL A 129 9.44 1.84 5.46
CA VAL A 129 8.12 2.27 5.01
C VAL A 129 8.18 3.77 4.84
N GLN A 130 7.21 4.29 4.10
CA GLN A 130 7.15 5.72 3.85
C GLN A 130 5.69 6.14 3.78
N TYR A 131 5.34 7.22 4.46
CA TYR A 131 4.11 7.96 4.19
C TYR A 131 4.37 8.99 3.09
N ASN A 132 3.56 8.96 2.03
CA ASN A 132 3.67 9.87 0.88
C ASN A 132 2.49 10.80 0.86
N VAL A 133 2.73 12.10 0.90
CA VAL A 133 1.68 13.10 0.90
C VAL A 133 1.90 14.03 -0.28
N PRO A 134 1.10 13.90 -1.34
CA PRO A 134 1.19 14.85 -2.46
C PRO A 134 0.95 16.27 -1.97
N LEU A 135 1.81 17.18 -2.41
CA LEU A 135 1.67 18.59 -2.05
C LEU A 135 1.05 19.40 -3.18
N ASP A 136 1.31 19.00 -4.41
CA ASP A 136 0.69 19.62 -5.57
C ASP A 136 0.89 18.64 -6.73
N GLY A 137 0.83 19.16 -7.96
CA GLY A 137 1.00 18.29 -9.11
C GLY A 137 2.39 17.72 -9.26
N GLU A 138 3.39 18.30 -8.59
CA GLU A 138 4.76 17.83 -8.78
C GLU A 138 5.44 17.35 -7.50
N ARG A 139 5.09 17.89 -6.34
CA ARG A 139 5.86 17.62 -5.13
C ARG A 139 5.14 16.59 -4.25
N THR A 140 5.95 15.78 -3.56
CA THR A 140 5.43 14.75 -2.66
C THR A 140 6.21 14.84 -1.35
N LEU A 141 5.52 15.15 -0.26
CA LEU A 141 6.12 15.13 1.06
C LEU A 141 6.15 13.70 1.59
N CYS A 142 7.32 13.26 2.05
CA CYS A 142 7.49 11.87 2.44
C CYS A 142 8.14 11.77 3.81
N LEU A 143 7.61 10.85 4.61
CA LEU A 143 8.21 10.50 5.88
C LEU A 143 8.66 9.06 5.75
N SER A 144 9.97 8.86 5.70
CA SER A 144 10.54 7.53 5.61
C SER A 144 10.87 7.04 7.01
N LEU A 145 10.49 5.80 7.31
CA LEU A 145 10.81 5.17 8.58
C LEU A 145 11.58 3.89 8.25
N GLY A 146 12.82 3.80 8.70
CA GLY A 146 13.64 2.63 8.40
C GLY A 146 13.81 1.74 9.60
N SER A 147 14.10 0.45 9.38
CA SER A 147 14.37 -0.49 10.46
C SER A 147 15.56 -1.35 10.09
N GLU A 148 16.37 -1.69 11.10
CA GLU A 148 17.36 -2.75 10.94
C GLU A 148 16.74 -4.14 10.99
N SER A 149 15.50 -4.28 11.46
CA SER A 149 14.75 -5.52 11.28
C SER A 149 13.64 -5.29 10.26
N ARG A 150 12.64 -6.17 10.24
CA ARG A 150 11.56 -6.09 9.27
C ARG A 150 10.29 -5.54 9.92
N PHE A 151 9.56 -4.74 9.16
CA PHE A 151 8.22 -4.35 9.55
C PHE A 151 7.27 -5.47 9.14
N GLY A 152 6.59 -6.07 10.11
CA GLY A 152 5.67 -7.16 9.83
C GLY A 152 4.25 -6.64 9.59
N ALA A 153 3.36 -7.60 9.28
CA ALA A 153 1.99 -7.23 8.92
C ALA A 153 1.32 -6.44 10.02
N GLU A 154 1.59 -6.80 11.28
CA GLU A 154 0.99 -6.08 12.40
C GLU A 154 1.46 -4.63 12.45
N GLN A 155 2.74 -4.38 12.14
CA GLN A 155 3.23 -3.01 12.07
C GLN A 155 2.61 -2.25 10.91
N ILE A 156 2.54 -2.87 9.72
CA ILE A 156 1.91 -2.21 8.58
C ILE A 156 0.46 -1.88 8.90
N ALA A 157 -0.26 -2.84 9.50
CA ALA A 157 -1.63 -2.59 9.94
C ALA A 157 -1.72 -1.38 10.84
N LEU A 158 -0.82 -1.28 11.83
CA LEU A 158 -0.80 -0.11 12.71
C LEU A 158 -0.56 1.18 11.93
N PHE A 159 0.46 1.18 11.06
CA PHE A 159 0.74 2.37 10.25
C PHE A 159 -0.50 2.82 9.49
N GLU A 160 -1.29 1.87 8.97
CA GLU A 160 -2.52 2.23 8.27
C GLU A 160 -3.59 2.75 9.23
N LEU A 161 -3.64 2.21 10.44
CA LEU A 161 -4.64 2.68 11.41
C LEU A 161 -4.41 4.14 11.77
N LEU A 162 -3.14 4.52 11.96
CA LEU A 162 -2.77 5.86 12.39
C LEU A 162 -2.68 6.84 11.23
N ARG A 163 -2.59 6.32 10.01
CA ARG A 163 -2.39 7.12 8.81
C ARG A 163 -3.30 8.34 8.70
N PRO A 164 -4.62 8.28 9.01
CA PRO A 164 -5.45 9.48 8.85
C PRO A 164 -4.88 10.73 9.50
N TRP A 165 -4.38 10.64 10.73
CA TRP A 165 -3.86 11.83 11.36
C TRP A 165 -2.36 12.02 11.13
N VAL A 166 -1.63 10.96 10.80
CA VAL A 166 -0.22 11.15 10.40
C VAL A 166 -0.15 12.04 9.15
N ILE A 167 -0.94 11.71 8.13
CA ILE A 167 -0.80 12.48 6.90
C ILE A 167 -1.43 13.87 7.05
N ALA A 168 -2.48 14.00 7.88
CA ALA A 168 -3.04 15.33 8.15
C ALA A 168 -2.01 16.21 8.82
N LEU A 169 -1.30 15.67 9.81
CA LEU A 169 -0.24 16.40 10.49
C LEU A 169 0.87 16.79 9.53
N MET A 170 1.34 15.83 8.73
CA MET A 170 2.42 16.10 7.78
C MET A 170 2.07 17.27 6.88
N LYS A 171 0.84 17.25 6.32
CA LYS A 171 0.41 18.33 5.44
C LYS A 171 0.42 19.67 6.16
N LYS A 172 -0.04 19.69 7.42
CA LYS A 172 -0.04 20.95 8.16
C LYS A 172 1.36 21.41 8.51
N ARG A 173 2.29 20.48 8.72
CA ARG A 173 3.66 20.88 9.03
C ARG A 173 4.29 21.74 7.93
N ILE A 174 3.81 21.63 6.68
CA ILE A 174 4.40 22.40 5.57
C ILE A 174 4.35 23.90 5.85
N HIS A 175 3.31 24.37 6.52
CA HIS A 175 3.20 25.77 6.87
C HIS A 175 4.30 26.27 7.73
N PHE A 176 4.94 25.40 8.46
CA PHE A 176 6.01 25.81 9.32
C PHE A 176 7.36 25.41 8.78
N GLU A 177 7.42 24.99 7.53
CA GLU A 177 8.71 24.73 6.88
C GLU A 177 9.11 25.91 6.01
N ASP A 178 10.28 26.39 6.29
CA ASP A 178 10.75 27.65 5.81
C ASP A 178 11.43 27.46 4.50
N ALA A 179 12.03 26.30 4.33
CA ALA A 179 12.66 25.96 3.07
C ALA A 179 11.61 25.79 2.00
N VAL A 180 10.36 25.68 2.43
CA VAL A 180 9.26 25.49 1.49
C VAL A 180 8.47 26.78 1.34
N GLY B 9 -13.31 -16.54 20.98
CA GLY B 9 -14.08 -16.67 19.76
C GLY B 9 -14.67 -18.05 19.53
N GLY B 10 -13.81 -19.02 19.27
CA GLY B 10 -14.23 -20.43 19.07
C GLY B 10 -14.61 -20.80 17.65
N ALA B 11 -15.52 -20.02 17.04
CA ALA B 11 -15.95 -20.30 15.68
C ALA B 11 -14.85 -20.00 14.64
N TRP B 12 -13.85 -19.19 15.00
CA TRP B 12 -12.77 -18.91 14.06
C TRP B 12 -12.03 -20.17 13.65
N HIS B 13 -11.75 -21.05 14.63
CA HIS B 13 -11.01 -22.27 14.32
C HIS B 13 -11.76 -23.13 13.33
N GLU B 14 -13.06 -23.29 13.53
CA GLU B 14 -13.84 -24.07 12.57
C GLU B 14 -13.91 -23.37 11.21
N SER B 15 -14.02 -22.03 11.21
CA SER B 15 -13.97 -21.28 9.96
C SER B 15 -12.66 -21.52 9.22
N LEU B 16 -11.55 -21.43 9.94
CA LEU B 16 -10.26 -21.71 9.32
C LEU B 16 -10.22 -23.14 8.78
N GLY B 17 -10.80 -24.09 9.53
CA GLY B 17 -10.84 -25.46 9.04
C GLY B 17 -11.56 -25.60 7.72
N LYS B 18 -12.76 -25.00 7.61
CA LYS B 18 -13.53 -25.03 6.36
C LYS B 18 -12.73 -24.41 5.22
N LEU B 19 -12.16 -23.22 5.45
CA LEU B 19 -11.34 -22.57 4.45
C LEU B 19 -10.22 -23.49 3.96
N LEU B 20 -9.51 -24.11 4.89
CA LEU B 20 -8.35 -24.91 4.48
C LEU B 20 -8.77 -26.16 3.72
N GLU B 21 -9.87 -26.79 4.15
CA GLU B 21 -10.38 -27.98 3.47
C GLU B 21 -10.75 -27.67 2.02
N ALA B 22 -11.30 -26.48 1.79
CA ALA B 22 -11.73 -26.06 0.47
C ALA B 22 -10.58 -25.66 -0.44
N LEU B 23 -9.33 -25.69 0.05
CA LEU B 23 -8.20 -25.20 -0.74
C LEU B 23 -8.09 -25.90 -2.08
N ASP B 24 -8.54 -27.15 -2.17
CA ASP B 24 -8.47 -27.90 -3.42
C ASP B 24 -9.84 -28.18 -4.02
N ARG B 25 -10.84 -27.35 -3.68
CA ARG B 25 -12.21 -27.52 -4.13
C ARG B 25 -12.64 -26.34 -4.99
N PRO B 26 -13.69 -26.50 -5.81
CA PRO B 26 -14.10 -25.40 -6.70
C PRO B 26 -14.66 -24.18 -5.96
N PHE B 27 -15.15 -24.33 -4.73
CA PHE B 27 -15.76 -23.24 -3.98
C PHE B 27 -14.77 -22.52 -3.07
N PHE B 28 -13.47 -22.74 -3.27
CA PHE B 28 -12.45 -22.11 -2.45
C PHE B 28 -12.61 -20.59 -2.41
N TRP B 29 -12.71 -19.95 -3.58
CA TRP B 29 -12.76 -18.49 -3.61
C TRP B 29 -13.96 -17.97 -2.84
N ARG B 30 -15.12 -18.63 -2.98
CA ARG B 30 -16.30 -18.20 -2.24
C ARG B 30 -16.08 -18.27 -0.73
N ILE B 31 -15.44 -19.35 -0.24
CA ILE B 31 -15.20 -19.49 1.19
C ILE B 31 -14.21 -18.44 1.66
N LEU B 32 -13.14 -18.20 0.90
CA LEU B 32 -12.18 -17.18 1.29
C LEU B 32 -12.86 -15.81 1.42
N ALA B 33 -13.68 -15.44 0.43
CA ALA B 33 -14.32 -14.13 0.47
C ALA B 33 -15.28 -14.03 1.64
N GLN B 34 -16.04 -15.10 1.91
CA GLN B 34 -16.95 -15.10 3.06
C GLN B 34 -16.19 -15.02 4.38
N THR B 35 -15.06 -15.72 4.48
CA THR B 35 -14.22 -15.62 5.67
C THR B 35 -13.74 -14.19 5.88
N LEU B 36 -13.22 -13.57 4.81
CA LEU B 36 -12.79 -12.18 4.91
C LEU B 36 -13.98 -11.27 5.23
N GLY B 37 -15.16 -11.60 4.70
CA GLY B 37 -16.37 -10.84 4.99
C GLY B 37 -16.79 -10.88 6.45
N GLN B 38 -16.26 -11.81 7.24
CA GLN B 38 -16.45 -11.80 8.68
C GLN B 38 -15.69 -10.66 9.36
N PHE B 39 -14.62 -10.15 8.74
CA PHE B 39 -13.80 -9.09 9.31
C PHE B 39 -14.09 -7.70 8.76
N ALA B 40 -14.73 -7.60 7.59
CA ALA B 40 -15.01 -6.31 6.97
C ALA B 40 -16.19 -6.47 6.04
N PRO B 41 -16.89 -5.38 5.68
CA PRO B 41 -18.13 -5.51 4.89
C PRO B 41 -17.90 -5.78 3.40
N VAL B 42 -17.75 -7.05 3.05
CA VAL B 42 -17.56 -7.47 1.66
C VAL B 42 -18.93 -7.74 1.04
N ASP B 43 -19.32 -6.91 0.07
CA ASP B 43 -20.62 -7.05 -0.59
C ASP B 43 -20.54 -7.71 -1.96
N ASN B 44 -19.34 -7.83 -2.54
CA ASN B 44 -19.17 -8.44 -3.85
C ASN B 44 -17.71 -8.86 -3.94
N TRP B 45 -17.42 -9.76 -4.88
CA TRP B 45 -16.06 -10.25 -4.98
C TRP B 45 -15.89 -11.01 -6.27
N ALA B 46 -14.64 -11.11 -6.69
CA ALA B 46 -14.27 -11.87 -7.86
C ALA B 46 -12.82 -12.28 -7.73
N ALA B 47 -12.53 -13.45 -8.26
CA ALA B 47 -11.18 -13.97 -8.34
C ALA B 47 -10.84 -14.13 -9.82
N LEU B 48 -9.73 -13.54 -10.25
CA LEU B 48 -9.42 -13.54 -11.67
C LEU B 48 -7.92 -13.60 -11.87
N ILE B 49 -7.54 -13.96 -13.09
CA ILE B 49 -6.15 -13.95 -13.50
C ILE B 49 -5.99 -12.85 -14.56
N PHE B 50 -5.20 -11.84 -14.20
CA PHE B 50 -4.83 -10.76 -15.10
C PHE B 50 -3.57 -11.12 -15.86
N SER B 51 -3.44 -10.55 -17.06
CA SER B 51 -2.24 -10.75 -17.87
C SER B 51 -2.18 -9.59 -18.87
N ASP B 52 -1.38 -9.75 -19.93
CA ASP B 52 -1.40 -8.79 -21.01
C ASP B 52 -2.54 -9.05 -21.99
N SER B 53 -3.25 -10.17 -21.83
CA SER B 53 -4.44 -10.49 -22.59
C SER B 53 -5.68 -10.26 -21.71
N SER B 54 -6.83 -10.72 -22.20
CA SER B 54 -8.07 -10.51 -21.50
C SER B 54 -8.09 -11.28 -20.17
N PRO B 55 -8.74 -10.73 -19.13
CA PRO B 55 -8.77 -11.42 -17.83
C PRO B 55 -9.46 -12.78 -17.93
N LEU B 56 -9.00 -13.71 -17.09
CA LEU B 56 -9.68 -14.98 -16.90
C LEU B 56 -10.42 -14.94 -15.57
N ILE B 57 -11.72 -15.15 -15.61
CA ILE B 57 -12.54 -15.15 -14.40
C ILE B 57 -12.54 -16.58 -13.84
N LEU B 58 -12.08 -16.71 -12.59
CA LEU B 58 -12.08 -18.01 -11.92
C LEU B 58 -13.39 -18.26 -11.20
N SER B 59 -13.83 -17.27 -10.45
CA SER B 59 -15.04 -17.36 -9.64
C SER B 59 -15.44 -15.94 -9.25
N PHE B 60 -16.73 -15.75 -9.05
CA PHE B 60 -17.25 -14.46 -8.62
C PHE B 60 -18.59 -14.69 -7.93
N MET B 61 -19.01 -13.69 -7.14
CA MET B 61 -20.07 -13.90 -6.17
C MET B 61 -21.38 -14.32 -6.83
N GLU B 62 -21.70 -13.73 -7.98
CA GLU B 62 -22.96 -13.98 -8.67
C GLU B 62 -22.84 -15.04 -9.77
N GLU B 63 -21.83 -15.90 -9.72
CA GLU B 63 -21.63 -16.90 -10.77
C GLU B 63 -22.77 -17.91 -10.78
N GLU B 64 -23.08 -18.39 -11.99
CA GLU B 64 -24.08 -19.46 -12.17
C GLU B 64 -23.72 -20.36 -13.34
N ASP B 71 -23.06 -13.31 -17.71
CA ASP B 71 -24.13 -12.53 -18.33
C ASP B 71 -23.67 -11.07 -18.51
N PRO B 72 -24.28 -10.35 -19.51
CA PRO B 72 -23.70 -9.10 -20.05
C PRO B 72 -22.48 -8.49 -19.37
N LEU B 73 -22.57 -8.27 -18.05
CA LEU B 73 -21.53 -7.52 -17.35
C LEU B 73 -20.19 -8.25 -17.33
N ILE B 74 -20.20 -9.55 -16.99
CA ILE B 74 -18.95 -10.30 -16.96
C ILE B 74 -18.27 -10.23 -18.32
N SER B 75 -19.08 -10.28 -19.40
CA SER B 75 -18.53 -10.23 -20.75
C SER B 75 -18.07 -8.82 -21.10
N ARG B 76 -18.81 -7.80 -20.68
CA ARG B 76 -18.37 -6.42 -20.93
C ARG B 76 -17.05 -6.11 -20.22
N TYR B 77 -16.87 -6.59 -18.99
CA TYR B 77 -15.60 -6.36 -18.30
C TYR B 77 -14.46 -7.10 -18.99
N ILE B 78 -14.69 -8.38 -19.32
CA ILE B 78 -13.66 -9.25 -19.87
C ILE B 78 -13.33 -8.89 -21.31
N THR B 79 -14.28 -8.35 -22.06
CA THR B 79 -14.02 -8.03 -23.45
C THR B 79 -13.52 -6.60 -23.65
N GLY B 80 -13.15 -5.91 -22.58
CA GLY B 80 -12.52 -4.61 -22.79
C GLY B 80 -12.51 -3.61 -21.65
N LEU B 81 -13.59 -3.53 -20.85
CA LEU B 81 -13.63 -2.53 -19.80
C LEU B 81 -12.51 -2.72 -18.78
N TYR B 82 -11.93 -3.91 -18.70
CA TYR B 82 -10.86 -4.15 -17.73
C TYR B 82 -9.66 -3.25 -17.99
N LEU B 83 -9.48 -2.82 -19.24
CA LEU B 83 -8.37 -1.90 -19.57
C LEU B 83 -8.51 -0.56 -18.84
N GLN B 84 -9.73 -0.18 -18.50
CA GLN B 84 -9.98 1.05 -17.75
C GLN B 84 -10.10 0.83 -16.25
N ASP B 85 -9.87 -0.39 -15.76
CA ASP B 85 -9.96 -0.71 -14.34
C ASP B 85 -8.61 -0.40 -13.70
N PRO B 86 -8.53 0.56 -12.77
CA PRO B 86 -7.24 0.82 -12.12
C PRO B 86 -6.66 -0.39 -11.41
N PHE B 87 -7.50 -1.35 -11.03
CA PHE B 87 -7.02 -2.58 -10.42
C PHE B 87 -6.36 -3.49 -11.45
N TYR B 88 -6.78 -3.41 -12.71
CA TYR B 88 -6.03 -4.12 -13.74
C TYR B 88 -4.70 -3.44 -14.00
N GLN B 89 -4.71 -2.10 -14.11
CA GLN B 89 -3.47 -1.38 -14.41
C GLN B 89 -2.43 -1.59 -13.33
N VAL B 90 -2.88 -1.67 -12.07
CA VAL B 90 -1.93 -1.90 -10.98
C VAL B 90 -1.27 -3.26 -11.13
N SER B 91 -1.98 -4.25 -11.68
CA SER B 91 -1.34 -5.54 -11.94
C SER B 91 -0.26 -5.42 -13.01
N ARG B 92 -0.39 -4.45 -13.92
CA ARG B 92 0.65 -4.26 -14.94
C ARG B 92 1.84 -3.48 -14.40
N ASN B 93 1.59 -2.51 -13.52
CA ASN B 93 2.61 -1.57 -13.12
C ASN B 93 3.28 -1.91 -11.78
N CSO B 94 2.62 -2.71 -10.95
CA CSO B 94 3.17 -3.06 -9.65
CB CSO B 94 2.27 -2.57 -8.52
SG CSO B 94 2.23 -0.76 -8.50
C CSO B 94 3.36 -4.57 -9.58
O CSO B 94 2.54 -5.29 -8.98
OD CSO B 94 4.02 -0.15 -8.16
N ARG B 95 4.44 -5.04 -10.16
CA ARG B 95 4.59 -6.45 -10.45
C ARG B 95 4.95 -7.26 -9.21
N ARG B 96 5.32 -6.58 -8.11
CA ARG B 96 5.51 -7.31 -6.85
C ARG B 96 4.17 -7.75 -6.23
N GLY B 97 3.05 -7.20 -6.67
CA GLY B 97 1.78 -7.56 -6.06
C GLY B 97 1.60 -6.90 -4.71
N GLY B 98 0.67 -7.45 -3.94
CA GLY B 98 0.36 -6.93 -2.62
C GLY B 98 -1.11 -6.66 -2.40
N LEU B 99 -1.41 -5.63 -1.61
CA LEU B 99 -2.77 -5.26 -1.25
C LEU B 99 -3.04 -3.82 -1.70
N PHE B 100 -4.13 -3.62 -2.45
CA PHE B 100 -4.40 -2.32 -3.05
C PHE B 100 -5.79 -1.83 -2.69
N HIS B 101 -5.88 -0.55 -2.34
CA HIS B 101 -7.14 0.10 -1.99
C HIS B 101 -7.49 1.10 -3.08
N LEU B 102 -8.77 1.14 -3.46
CA LEU B 102 -9.22 1.98 -4.58
C LEU B 102 -8.69 3.40 -4.49
N ALA B 103 -8.85 4.06 -3.34
CA ALA B 103 -8.47 5.48 -3.25
C ALA B 103 -7.00 5.73 -3.57
N ASP B 104 -6.13 4.74 -3.34
CA ASP B 104 -4.71 4.97 -3.56
C ASP B 104 -4.29 4.79 -5.01
N ILE B 105 -5.14 4.21 -5.86
CA ILE B 105 -4.72 3.82 -7.20
C ILE B 105 -5.52 4.51 -8.30
N VAL B 106 -6.55 5.29 -7.96
CA VAL B 106 -7.38 5.95 -8.97
C VAL B 106 -6.68 7.18 -9.52
N SER B 107 -7.03 7.54 -10.75
CA SER B 107 -6.80 8.88 -11.27
C SER B 107 -7.88 9.83 -10.75
N GLU B 108 -7.94 11.05 -11.26
CA GLU B 108 -9.06 11.90 -10.87
C GLU B 108 -10.16 11.94 -11.93
N ASP B 109 -9.89 11.55 -13.17
CA ASP B 109 -10.96 11.34 -14.14
C ASP B 109 -11.49 9.91 -14.10
N PHE B 110 -11.33 9.23 -12.96
CA PHE B 110 -11.89 7.89 -12.80
C PHE B 110 -13.41 7.92 -12.93
N GLU B 111 -14.06 8.83 -12.22
CA GLU B 111 -15.52 8.88 -12.21
C GLU B 111 -16.10 9.22 -13.58
N THR B 112 -15.34 9.91 -14.42
CA THR B 112 -15.85 10.26 -15.74
C THR B 112 -15.65 9.13 -16.75
N THR B 113 -14.86 8.12 -16.41
CA THR B 113 -14.62 7.03 -17.35
C THR B 113 -15.92 6.28 -17.58
N GLU B 114 -16.00 5.61 -18.72
CA GLU B 114 -17.09 4.66 -18.90
C GLU B 114 -17.12 3.70 -17.74
N TYR B 115 -15.96 3.06 -17.46
CA TYR B 115 -15.86 1.97 -16.50
C TYR B 115 -16.59 2.28 -15.19
N TYR B 116 -16.36 3.47 -14.63
CA TYR B 116 -16.98 3.83 -13.38
C TYR B 116 -18.49 3.92 -13.52
N ASN B 117 -18.98 4.73 -14.46
CA ASN B 117 -20.41 4.93 -14.58
C ASN B 117 -21.12 3.69 -15.12
N THR B 118 -20.47 2.89 -15.97
CA THR B 118 -21.17 1.69 -16.44
C THR B 118 -21.02 0.52 -15.49
N TYR B 119 -19.79 0.16 -15.12
CA TYR B 119 -19.52 -1.11 -14.46
C TYR B 119 -19.26 -0.96 -12.97
N PHE B 120 -18.39 -0.02 -12.57
CA PHE B 120 -18.03 0.08 -11.16
C PHE B 120 -19.23 0.46 -10.31
N ALA B 121 -19.88 1.58 -10.64
CA ALA B 121 -20.93 2.11 -9.79
C ALA B 121 -22.11 1.15 -9.65
N HIS B 122 -22.15 0.07 -10.44
CA HIS B 122 -23.22 -0.92 -10.38
C HIS B 122 -22.82 -2.18 -9.61
N TYR B 123 -21.64 -2.74 -9.89
CA TYR B 123 -21.27 -4.04 -9.33
C TYR B 123 -20.15 -3.95 -8.30
N VAL B 124 -19.57 -2.78 -8.06
CA VAL B 124 -18.68 -2.54 -6.93
C VAL B 124 -19.26 -1.51 -5.97
N VAL B 125 -19.88 -0.46 -6.53
CA VAL B 125 -20.75 0.50 -5.87
C VAL B 125 -19.93 1.58 -5.16
N THR B 126 -19.19 1.24 -4.10
CA THR B 126 -18.50 2.30 -3.36
C THR B 126 -16.98 2.12 -3.25
N ASP B 127 -16.49 1.01 -2.70
CA ASP B 127 -15.07 0.89 -2.41
C ASP B 127 -14.60 -0.49 -2.82
N GLU B 128 -13.27 -0.66 -2.89
CA GLU B 128 -12.72 -1.92 -3.37
C GLU B 128 -11.29 -2.06 -2.87
N VAL B 129 -10.94 -3.26 -2.46
CA VAL B 129 -9.54 -3.63 -2.26
C VAL B 129 -9.28 -4.87 -3.10
N GLN B 130 -8.00 -5.17 -3.30
CA GLN B 130 -7.64 -6.32 -4.09
C GLN B 130 -6.31 -6.88 -3.58
N TYR B 131 -6.25 -8.19 -3.37
CA TYR B 131 -5.00 -8.89 -3.10
C TYR B 131 -4.44 -9.42 -4.43
N ASN B 132 -3.17 -9.11 -4.71
CA ASN B 132 -2.51 -9.46 -5.97
C ASN B 132 -1.36 -10.40 -5.67
N VAL B 133 -1.35 -11.55 -6.34
CA VAL B 133 -0.26 -12.52 -6.25
C VAL B 133 0.32 -12.75 -7.65
N PRO B 134 1.57 -12.37 -7.87
CA PRO B 134 2.20 -12.57 -9.17
C PRO B 134 2.37 -14.06 -9.48
N LEU B 135 1.96 -14.48 -10.67
CA LEU B 135 2.05 -15.88 -11.06
C LEU B 135 3.34 -16.19 -11.81
N ASP B 136 3.75 -15.27 -12.68
CA ASP B 136 4.98 -15.41 -13.43
C ASP B 136 5.35 -13.99 -13.87
N GLY B 137 6.14 -13.88 -14.94
CA GLY B 137 6.50 -12.57 -15.45
C GLY B 137 5.32 -11.79 -16.02
N GLU B 138 4.20 -12.45 -16.31
CA GLU B 138 3.09 -11.76 -16.96
C GLU B 138 1.76 -11.84 -16.23
N ARG B 139 1.48 -12.91 -15.50
CA ARG B 139 0.14 -13.12 -14.96
C ARG B 139 0.07 -12.76 -13.47
N THR B 140 -1.13 -12.40 -13.04
CA THR B 140 -1.39 -11.95 -11.67
C THR B 140 -2.69 -12.57 -11.20
N LEU B 141 -2.63 -13.34 -10.11
CA LEU B 141 -3.82 -13.91 -9.46
C LEU B 141 -4.38 -12.90 -8.48
N CYS B 142 -5.64 -12.55 -8.64
CA CYS B 142 -6.18 -11.42 -7.90
C CYS B 142 -7.49 -11.81 -7.24
N LEU B 143 -7.67 -11.33 -6.02
CA LEU B 143 -8.95 -11.44 -5.32
C LEU B 143 -9.40 -10.03 -5.03
N SER B 144 -10.47 -9.59 -5.68
CA SER B 144 -10.98 -8.26 -5.41
C SER B 144 -12.23 -8.36 -4.56
N LEU B 145 -12.36 -7.42 -3.65
CA LEU B 145 -13.43 -7.41 -2.67
C LEU B 145 -14.08 -6.04 -2.74
N GLY B 146 -15.36 -6.01 -3.08
CA GLY B 146 -16.09 -4.78 -3.23
C GLY B 146 -17.02 -4.53 -2.05
N SER B 147 -17.30 -3.26 -1.79
CA SER B 147 -18.21 -2.89 -0.72
C SER B 147 -19.08 -1.73 -1.17
N GLU B 148 -20.33 -1.73 -0.69
CA GLU B 148 -21.19 -0.57 -0.83
C GLU B 148 -20.90 0.50 0.22
N SER B 149 -20.12 0.20 1.24
CA SER B 149 -19.64 1.24 2.15
C SER B 149 -18.16 1.49 1.94
N ARG B 150 -17.68 2.60 2.49
CA ARG B 150 -16.27 2.97 2.40
C ARG B 150 -15.45 2.12 3.35
N PHE B 151 -14.31 1.58 2.87
CA PHE B 151 -13.37 0.92 3.78
C PHE B 151 -12.56 2.02 4.47
N GLY B 152 -12.77 2.20 5.77
CA GLY B 152 -11.99 3.16 6.52
C GLY B 152 -10.63 2.61 6.92
N ALA B 153 -9.89 3.44 7.66
CA ALA B 153 -8.54 3.07 8.10
C ALA B 153 -8.56 1.77 8.89
N GLU B 154 -9.60 1.55 9.67
CA GLU B 154 -9.70 0.33 10.47
C GLU B 154 -9.85 -0.90 9.60
N GLN B 155 -10.64 -0.80 8.52
CA GLN B 155 -10.79 -1.92 7.59
C GLN B 155 -9.51 -2.15 6.78
N ILE B 156 -8.87 -1.09 6.31
CA ILE B 156 -7.61 -1.24 5.58
C ILE B 156 -6.56 -1.87 6.50
N ALA B 157 -6.48 -1.40 7.75
CA ALA B 157 -5.57 -2.01 8.72
C ALA B 157 -5.88 -3.49 8.89
N LEU B 158 -7.15 -3.86 8.88
CA LEU B 158 -7.51 -5.27 9.01
C LEU B 158 -7.09 -6.08 7.78
N PHE B 159 -7.31 -5.54 6.58
CA PHE B 159 -6.85 -6.23 5.37
C PHE B 159 -5.35 -6.42 5.38
N GLU B 160 -4.59 -5.45 5.92
CA GLU B 160 -3.14 -5.62 6.03
C GLU B 160 -2.78 -6.68 7.08
N LEU B 161 -3.54 -6.74 8.17
CA LEU B 161 -3.26 -7.73 9.21
C LEU B 161 -3.50 -9.15 8.73
N LEU B 162 -4.57 -9.38 7.95
CA LEU B 162 -4.89 -10.70 7.43
C LEU B 162 -4.04 -11.10 6.22
N ARG B 163 -3.40 -10.13 5.58
CA ARG B 163 -2.65 -10.36 4.34
C ARG B 163 -1.67 -11.53 4.35
N PRO B 164 -0.87 -11.77 5.40
CA PRO B 164 0.10 -12.89 5.31
C PRO B 164 -0.56 -14.22 4.99
N TRP B 165 -1.68 -14.55 5.63
CA TRP B 165 -2.29 -15.83 5.29
C TRP B 165 -3.24 -15.76 4.10
N VAL B 166 -3.83 -14.59 3.80
CA VAL B 166 -4.55 -14.48 2.54
C VAL B 166 -3.62 -14.73 1.37
N ILE B 167 -2.47 -14.03 1.34
CA ILE B 167 -1.50 -14.20 0.27
C ILE B 167 -0.98 -15.64 0.23
N ALA B 168 -0.57 -16.17 1.39
CA ALA B 168 -0.07 -17.54 1.47
C ALA B 168 -1.07 -18.53 0.90
N LEU B 169 -2.34 -18.36 1.26
CA LEU B 169 -3.36 -19.28 0.79
C LEU B 169 -3.59 -19.17 -0.72
N MET B 170 -3.62 -17.94 -1.22
CA MET B 170 -3.81 -17.75 -2.67
C MET B 170 -2.66 -18.38 -3.43
N LYS B 171 -1.44 -18.28 -2.89
CA LYS B 171 -0.28 -18.90 -3.50
C LYS B 171 -0.38 -20.42 -3.49
N LYS B 172 -0.82 -21.00 -2.36
CA LYS B 172 -1.02 -22.44 -2.31
C LYS B 172 -2.16 -22.86 -3.24
N ARG B 173 -3.16 -22.01 -3.41
CA ARG B 173 -4.25 -22.35 -4.32
C ARG B 173 -3.79 -22.42 -5.78
N ILE B 174 -2.64 -21.83 -6.12
CA ILE B 174 -2.12 -21.94 -7.49
C ILE B 174 -1.95 -23.40 -7.87
N HIS B 175 -1.48 -24.23 -6.92
CA HIS B 175 -1.30 -25.66 -7.16
C HIS B 175 -2.57 -26.35 -7.66
N PHE B 176 -3.75 -25.85 -7.29
CA PHE B 176 -5.00 -26.55 -7.57
C PHE B 176 -5.87 -25.82 -8.57
N GLU B 177 -5.32 -24.84 -9.29
CA GLU B 177 -6.06 -24.10 -10.28
C GLU B 177 -5.46 -24.38 -11.65
N ASP B 178 -6.29 -24.84 -12.58
CA ASP B 178 -5.83 -25.18 -13.93
C ASP B 178 -5.70 -23.94 -14.81
#